data_4JOQ
#
_entry.id   4JOQ
#
_cell.length_a   86.096
_cell.length_b   86.096
_cell.length_c   199.986
_cell.angle_alpha   90.000
_cell.angle_beta   90.000
_cell.angle_gamma   120.000
#
_symmetry.space_group_name_H-M   'P 31 2 1'
#
loop_
_entity.id
_entity.type
_entity.pdbx_description
1 polymer 'ABC ribose transporter, periplasmic solute-binding protein'
2 non-polymer 'ACETATE ION'
3 non-polymer 1,2-ETHANEDIOL
4 water water
#
_entity_poly.entity_id   1
_entity_poly.type   'polypeptide(L)'
_entity_poly.pdbx_seq_one_letter_code
;SNAQEKVGTIGIAIPSATHGF(MSE)GGLNFHAQDTIKRLQEVYPQLDFVLATAGNAGK(MSE)VNDIED(MSE)VATRN
ISALVVLPFESEPLTSPVQAVKEAGIWVTVVDRGLSVEGIEDLYVAGDNPGFGRVAGEYFAQHLESGKKIVVLRGIPTTL
DNERVEAFTAAIEGSGIEVLD(MSE)QHGNWNRDDAFNV(MSE)QDFLSKYPQIDAVWAADDD(MSE)AIGA(MSE)EAI
AQAGRTEE(MSE)WV(MSE)GGAG(MSE)KEIIRRIADGDPQLPANVTYPPAQISTAIELTALKLVSSTPVSGRFIIGSQ
LVTPENAEQFYFPDSPF
;
_entity_poly.pdbx_strand_id   A,B
#
loop_
_chem_comp.id
_chem_comp.type
_chem_comp.name
_chem_comp.formula
ACT non-polymer 'ACETATE ION' 'C2 H3 O2 -1'
EDO non-polymer 1,2-ETHANEDIOL 'C2 H6 O2'
#
# COMPACT_ATOMS: atom_id res chain seq x y z
N SER A 1 11.70 -16.76 -32.45
CA SER A 1 10.96 -16.67 -33.76
C SER A 1 9.49 -17.06 -33.63
N ASN A 2 9.11 -17.54 -32.45
CA ASN A 2 7.75 -17.94 -32.15
CA ASN A 2 7.71 -17.91 -32.15
C ASN A 2 6.91 -16.67 -31.84
N ALA A 3 5.58 -16.81 -31.71
CA ALA A 3 4.75 -15.65 -31.36
C ALA A 3 5.13 -15.19 -29.94
N GLN A 4 4.90 -13.91 -29.61
CA GLN A 4 5.09 -13.35 -28.23
C GLN A 4 4.20 -14.04 -27.19
N GLU A 5 4.80 -14.65 -26.18
CA GLU A 5 4.02 -15.30 -25.11
C GLU A 5 3.27 -14.26 -24.28
N LYS A 6 2.01 -14.53 -23.97
CA LYS A 6 1.20 -13.57 -23.20
C LYS A 6 0.96 -14.23 -21.87
N VAL A 7 1.33 -13.55 -20.79
CA VAL A 7 1.27 -14.17 -19.47
C VAL A 7 0.00 -13.85 -18.77
N GLY A 8 -0.76 -12.90 -19.31
CA GLY A 8 -2.07 -12.54 -18.76
C GLY A 8 -2.58 -11.26 -19.39
N THR A 9 -3.84 -10.95 -19.12
CA THR A 9 -4.56 -9.82 -19.66
C THR A 9 -5.17 -9.10 -18.50
N ILE A 10 -4.84 -7.82 -18.38
CA ILE A 10 -5.43 -6.99 -17.37
C ILE A 10 -6.67 -6.28 -17.90
N GLY A 11 -7.83 -6.53 -17.30
CA GLY A 11 -9.00 -5.71 -17.54
C GLY A 11 -9.02 -4.52 -16.63
N ILE A 12 -9.45 -3.37 -17.14
CA ILE A 12 -9.59 -2.15 -16.37
C ILE A 12 -10.99 -1.61 -16.60
N ALA A 13 -11.75 -1.57 -15.52
CA ALA A 13 -13.11 -1.02 -15.54
C ALA A 13 -13.15 0.20 -14.68
N ILE A 14 -13.44 1.36 -15.27
CA ILE A 14 -13.55 2.62 -14.55
C ILE A 14 -14.72 3.53 -15.06
N PRO A 15 -15.13 4.53 -14.26
CA PRO A 15 -16.21 5.43 -14.74
C PRO A 15 -15.72 6.27 -15.91
N SER A 16 -16.57 6.46 -16.91
CA SER A 16 -16.17 7.24 -18.09
C SER A 16 -16.25 8.71 -17.73
N ALA A 17 -15.34 9.50 -18.28
CA ALA A 17 -15.32 10.94 -18.04
C ALA A 17 -14.29 11.57 -18.94
N THR A 18 -14.62 12.76 -19.46
CA THR A 18 -13.70 13.53 -20.30
C THR A 18 -13.16 14.78 -19.62
N HIS A 19 -13.68 15.12 -18.43
CA HIS A 19 -13.18 16.29 -17.70
CA HIS A 19 -13.19 16.29 -17.70
C HIS A 19 -13.20 16.01 -16.21
N GLY A 20 -12.58 16.88 -15.43
CA GLY A 20 -12.58 16.80 -13.99
C GLY A 20 -11.61 15.73 -13.48
N PHE A 21 -11.73 15.41 -12.19
CA PHE A 21 -10.95 14.36 -11.54
C PHE A 21 -11.07 13.04 -12.28
N MSE A 22 -12.28 12.57 -12.51
CA MSE A 22 -12.42 11.33 -13.26
C MSE A 22 -11.88 11.39 -14.69
O MSE A 22 -11.42 10.38 -15.22
CB MSE A 22 -13.87 10.87 -13.14
CG MSE A 22 -14.01 9.42 -13.55
SE MSE A 22 -13.17 8.41 -12.06
CE MSE A 22 -14.49 8.39 -10.62
N GLY A 23 -11.95 12.56 -15.35
CA GLY A 23 -11.34 12.73 -16.66
C GLY A 23 -9.82 12.56 -16.61
N GLY A 24 -9.20 13.17 -15.61
CA GLY A 24 -7.77 13.03 -15.38
C GLY A 24 -7.37 11.59 -15.07
N LEU A 25 -8.22 10.88 -14.31
CA LEU A 25 -8.03 9.46 -14.07
C LEU A 25 -8.08 8.60 -15.32
N ASN A 26 -9.08 8.82 -16.14
CA ASN A 26 -9.13 8.16 -17.44
C ASN A 26 -7.84 8.36 -18.25
N PHE A 27 -7.35 9.59 -18.24
CA PHE A 27 -6.10 9.92 -18.90
C PHE A 27 -4.91 9.12 -18.33
N HIS A 28 -4.75 9.14 -17.01
CA HIS A 28 -3.66 8.39 -16.36
C HIS A 28 -3.75 6.89 -16.60
N ALA A 29 -4.96 6.32 -16.58
CA ALA A 29 -5.14 4.90 -16.91
C ALA A 29 -4.62 4.56 -18.30
N GLN A 30 -5.00 5.39 -19.29
CA GLN A 30 -4.59 5.22 -20.71
C GLN A 30 -3.10 5.42 -20.87
N ASP A 31 -2.58 6.43 -20.16
CA ASP A 31 -1.12 6.69 -20.18
C ASP A 31 -0.32 5.53 -19.61
N THR A 32 -0.74 5.00 -18.47
CA THR A 32 -0.10 3.80 -17.87
C THR A 32 -0.15 2.58 -18.75
N ILE A 33 -1.30 2.32 -19.39
CA ILE A 33 -1.39 1.16 -20.26
C ILE A 33 -0.37 1.28 -21.43
N LYS A 34 -0.23 2.48 -22.00
CA LYS A 34 0.75 2.73 -23.06
C LYS A 34 2.18 2.53 -22.56
N ARG A 35 2.47 2.96 -21.33
CA ARG A 35 3.83 2.73 -20.80
C ARG A 35 4.09 1.24 -20.68
N LEU A 36 3.13 0.52 -20.11
CA LEU A 36 3.31 -0.90 -19.83
C LEU A 36 3.29 -1.80 -21.04
N GLN A 37 2.61 -1.40 -22.14
CA GLN A 37 2.68 -2.09 -23.41
C GLN A 37 4.13 -2.18 -23.89
N GLU A 38 4.93 -1.15 -23.57
CA GLU A 38 6.36 -1.12 -23.95
C GLU A 38 7.25 -1.87 -22.97
N VAL A 39 7.01 -1.69 -21.67
CA VAL A 39 7.84 -2.31 -20.63
C VAL A 39 7.64 -3.82 -20.57
N TYR A 40 6.39 -4.28 -20.66
CA TYR A 40 5.98 -5.67 -20.48
C TYR A 40 5.14 -6.09 -21.67
N PRO A 41 5.82 -6.34 -22.80
CA PRO A 41 5.04 -6.78 -23.96
C PRO A 41 4.35 -8.14 -23.80
N GLN A 42 4.68 -8.89 -22.75
CA GLN A 42 4.01 -10.14 -22.46
C GLN A 42 2.64 -9.92 -21.79
N LEU A 43 2.24 -8.68 -21.56
CA LEU A 43 0.90 -8.36 -21.03
C LEU A 43 -0.03 -7.84 -22.16
N ASP A 44 -1.32 -8.19 -22.11
CA ASP A 44 -2.37 -7.49 -22.84
C ASP A 44 -3.27 -6.70 -21.86
N PHE A 45 -4.01 -5.74 -22.39
CA PHE A 45 -4.90 -4.88 -21.57
C PHE A 45 -6.24 -4.68 -22.23
N VAL A 46 -7.30 -4.67 -21.42
CA VAL A 46 -8.63 -4.24 -21.89
C VAL A 46 -9.13 -3.12 -21.03
N LEU A 47 -9.47 -2.00 -21.65
CA LEU A 47 -10.01 -0.87 -20.88
C LEU A 47 -11.47 -0.63 -21.22
N ALA A 48 -12.36 -0.71 -20.25
CA ALA A 48 -13.78 -0.42 -20.50
C ALA A 48 -14.17 0.67 -19.56
N THR A 49 -14.79 1.72 -20.09
CA THR A 49 -15.26 2.88 -19.33
C THR A 49 -16.80 2.91 -19.39
N ALA A 50 -17.42 3.21 -18.26
CA ALA A 50 -18.87 3.01 -18.12
C ALA A 50 -19.47 4.20 -17.48
N GLY A 51 -20.65 4.60 -17.98
CA GLY A 51 -21.35 5.78 -17.56
C GLY A 51 -22.30 5.48 -16.40
N ASN A 52 -22.57 4.19 -16.15
CA ASN A 52 -23.31 3.76 -14.96
C ASN A 52 -22.99 2.32 -14.52
N ALA A 53 -23.51 1.94 -13.35
CA ALA A 53 -23.16 0.68 -12.73
C ALA A 53 -23.56 -0.51 -13.57
N GLY A 54 -24.74 -0.40 -14.20
CA GLY A 54 -25.27 -1.50 -14.93
C GLY A 54 -24.32 -1.82 -16.06
N LYS A 55 -23.77 -0.78 -16.68
CA LYS A 55 -22.90 -1.01 -17.81
C LYS A 55 -21.52 -1.51 -17.37
N MSE A 56 -21.03 -1.10 -16.20
CA MSE A 56 -19.75 -1.61 -15.71
C MSE A 56 -19.93 -3.09 -15.44
O MSE A 56 -19.11 -3.91 -15.89
CB MSE A 56 -19.34 -0.79 -14.49
CG MSE A 56 -17.95 -1.26 -14.03
SE MSE A 56 -17.20 -0.20 -12.57
CE MSE A 56 -16.86 1.54 -13.40
N VAL A 57 -21.03 -3.47 -14.79
CA VAL A 57 -21.26 -4.88 -14.52
C VAL A 57 -21.21 -5.67 -15.83
N ASN A 58 -21.97 -5.23 -16.82
CA ASN A 58 -21.96 -5.94 -18.10
C ASN A 58 -20.55 -5.94 -18.76
N ASP A 59 -19.84 -4.82 -18.70
CA ASP A 59 -18.43 -4.77 -19.13
C ASP A 59 -17.56 -5.84 -18.42
N ILE A 60 -17.65 -5.89 -17.10
CA ILE A 60 -16.87 -6.88 -16.33
C ILE A 60 -17.27 -8.31 -16.74
N GLU A 61 -18.57 -8.60 -16.82
CA GLU A 61 -19.01 -9.97 -17.17
C GLU A 61 -18.51 -10.36 -18.56
N ASP A 62 -18.53 -9.40 -19.47
CA ASP A 62 -18.07 -9.65 -20.84
C ASP A 62 -16.56 -9.87 -20.87
N MSE A 63 -15.82 -9.04 -20.11
CA MSE A 63 -14.36 -9.14 -20.01
C MSE A 63 -13.96 -10.52 -19.56
O MSE A 63 -13.03 -11.09 -20.11
CB MSE A 63 -13.80 -8.19 -18.98
CG MSE A 63 -13.47 -6.84 -19.55
SE MSE A 63 -12.85 -5.72 -18.04
CE MSE A 63 -12.32 -4.41 -19.34
N VAL A 64 -14.63 -11.04 -18.54
CA VAL A 64 -14.39 -12.40 -18.06
C VAL A 64 -14.79 -13.43 -19.13
N ALA A 65 -16.05 -13.39 -19.55
CA ALA A 65 -16.58 -14.45 -20.40
C ALA A 65 -15.88 -14.49 -21.77
N THR A 66 -15.57 -13.35 -22.37
CA THR A 66 -15.04 -13.37 -23.75
C THR A 66 -13.63 -12.85 -23.97
N ARG A 67 -13.05 -12.08 -23.05
CA ARG A 67 -11.72 -11.49 -23.28
CA ARG A 67 -11.74 -11.50 -23.31
C ARG A 67 -10.64 -12.16 -22.46
N ASN A 68 -10.97 -13.29 -21.83
CA ASN A 68 -10.10 -14.03 -20.94
C ASN A 68 -9.14 -13.13 -20.10
N ILE A 69 -9.67 -12.15 -19.39
CA ILE A 69 -8.81 -11.45 -18.42
C ILE A 69 -8.35 -12.40 -17.33
N SER A 70 -7.16 -12.14 -16.78
CA SER A 70 -6.68 -12.91 -15.66
C SER A 70 -6.48 -12.00 -14.46
N ALA A 71 -6.57 -10.68 -14.64
CA ALA A 71 -6.65 -9.74 -13.55
C ALA A 71 -7.63 -8.66 -13.89
N LEU A 72 -8.33 -8.18 -12.87
CA LEU A 72 -9.24 -7.06 -12.98
C LEU A 72 -8.84 -5.92 -12.10
N VAL A 73 -8.76 -4.73 -12.70
CA VAL A 73 -8.57 -3.50 -11.93
C VAL A 73 -9.87 -2.75 -12.06
N VAL A 74 -10.58 -2.59 -10.95
CA VAL A 74 -11.91 -1.98 -11.01
C VAL A 74 -11.99 -0.83 -10.07
N LEU A 75 -12.51 0.29 -10.58
CA LEU A 75 -12.93 1.42 -9.73
C LEU A 75 -14.47 1.40 -9.73
N PRO A 76 -15.07 0.91 -8.65
CA PRO A 76 -16.49 0.63 -8.66
C PRO A 76 -17.33 1.89 -8.93
N PHE A 77 -18.23 1.81 -9.90
CA PHE A 77 -19.14 2.95 -10.17
C PHE A 77 -19.91 3.26 -8.88
N GLU A 78 -20.54 2.26 -8.30
CA GLU A 78 -21.09 2.36 -6.94
C GLU A 78 -20.73 1.07 -6.21
N SER A 79 -20.60 1.14 -4.90
CA SER A 79 -20.15 -0.02 -4.11
C SER A 79 -21.05 -1.25 -4.21
N GLU A 80 -22.33 -1.04 -3.94
CA GLU A 80 -23.25 -2.15 -3.77
C GLU A 80 -23.52 -2.90 -5.08
N PRO A 81 -23.87 -2.16 -6.15
CA PRO A 81 -24.16 -2.94 -7.38
C PRO A 81 -22.97 -3.78 -7.91
N LEU A 82 -21.73 -3.35 -7.63
CA LEU A 82 -20.51 -4.04 -8.10
C LEU A 82 -20.02 -5.18 -7.21
N THR A 83 -20.62 -5.39 -6.05
CA THR A 83 -20.12 -6.35 -5.08
C THR A 83 -20.26 -7.81 -5.47
N SER A 84 -21.45 -8.28 -5.85
CA SER A 84 -21.57 -9.66 -6.32
C SER A 84 -20.84 -9.91 -7.66
N PRO A 85 -20.94 -8.96 -8.58
CA PRO A 85 -20.16 -9.12 -9.80
C PRO A 85 -18.64 -9.36 -9.52
N VAL A 86 -18.08 -8.54 -8.68
CA VAL A 86 -16.64 -8.64 -8.43
C VAL A 86 -16.36 -9.90 -7.57
N GLN A 87 -17.28 -10.30 -6.69
CA GLN A 87 -17.13 -11.61 -6.02
CA GLN A 87 -17.11 -11.60 -6.02
C GLN A 87 -17.14 -12.75 -7.02
N ALA A 88 -17.95 -12.65 -8.06
CA ALA A 88 -17.96 -13.67 -9.11
C ALA A 88 -16.61 -13.70 -9.85
N VAL A 89 -16.03 -12.54 -10.10
CA VAL A 89 -14.67 -12.49 -10.70
C VAL A 89 -13.66 -13.23 -9.84
N LYS A 90 -13.67 -12.93 -8.55
CA LYS A 90 -12.77 -13.66 -7.63
C LYS A 90 -13.02 -15.18 -7.64
N GLU A 91 -14.28 -15.60 -7.56
CA GLU A 91 -14.64 -17.02 -7.64
CA GLU A 91 -14.66 -17.03 -7.64
C GLU A 91 -14.11 -17.70 -8.89
N ALA A 92 -14.06 -16.97 -10.00
CA ALA A 92 -13.50 -17.52 -11.23
C ALA A 92 -11.96 -17.62 -11.23
N GLY A 93 -11.32 -17.32 -10.11
CA GLY A 93 -9.85 -17.37 -10.03
C GLY A 93 -9.12 -16.17 -10.58
N ILE A 94 -9.84 -15.08 -10.84
CA ILE A 94 -9.24 -13.86 -11.36
C ILE A 94 -8.74 -12.95 -10.24
N TRP A 95 -7.50 -12.47 -10.35
CA TRP A 95 -6.98 -11.43 -9.41
C TRP A 95 -7.81 -10.16 -9.45
N VAL A 96 -8.10 -9.58 -8.28
CA VAL A 96 -8.85 -8.36 -8.22
C VAL A 96 -8.16 -7.25 -7.42
N THR A 97 -7.97 -6.13 -8.09
CA THR A 97 -7.56 -4.91 -7.47
C THR A 97 -8.73 -3.90 -7.53
N VAL A 98 -9.15 -3.41 -6.38
CA VAL A 98 -10.15 -2.39 -6.24
C VAL A 98 -9.51 -1.04 -5.97
N VAL A 99 -9.99 -0.02 -6.65
CA VAL A 99 -9.43 1.28 -6.52
C VAL A 99 -10.48 2.30 -6.00
N ASP A 100 -10.04 3.18 -5.11
CA ASP A 100 -10.82 4.41 -4.77
C ASP A 100 -12.07 4.19 -3.90
N ARG A 101 -13.04 3.45 -4.39
CA ARG A 101 -14.32 3.22 -3.70
C ARG A 101 -14.38 1.73 -3.36
N GLY A 102 -14.49 1.41 -2.06
CA GLY A 102 -14.61 0.05 -1.60
C GLY A 102 -15.87 -0.66 -1.97
N LEU A 103 -15.86 -1.98 -1.93
CA LEU A 103 -17.09 -2.73 -2.14
C LEU A 103 -17.86 -2.74 -0.83
N SER A 104 -19.09 -3.21 -0.87
CA SER A 104 -19.94 -3.08 0.33
C SER A 104 -19.59 -4.17 1.39
N VAL A 105 -19.03 -5.28 0.93
CA VAL A 105 -18.53 -6.39 1.75
C VAL A 105 -16.99 -6.34 1.77
N GLU A 106 -16.41 -6.77 2.88
CA GLU A 106 -14.97 -6.73 3.09
C GLU A 106 -14.24 -7.99 2.62
N GLY A 107 -12.95 -7.83 2.30
CA GLY A 107 -12.11 -8.99 2.02
C GLY A 107 -12.28 -9.65 0.67
N ILE A 108 -12.98 -9.02 -0.26
CA ILE A 108 -13.10 -9.59 -1.60
C ILE A 108 -11.80 -9.43 -2.39
N GLU A 109 -11.35 -8.21 -2.55
CA GLU A 109 -10.20 -7.92 -3.41
C GLU A 109 -8.88 -8.47 -2.88
N ASP A 110 -8.01 -8.78 -3.80
CA ASP A 110 -6.61 -9.11 -3.49
C ASP A 110 -5.84 -7.86 -3.03
N LEU A 111 -6.09 -6.73 -3.68
CA LEU A 111 -5.43 -5.48 -3.41
C LEU A 111 -6.43 -4.31 -3.50
N TYR A 112 -6.33 -3.40 -2.54
CA TYR A 112 -7.11 -2.16 -2.47
C TYR A 112 -6.13 -0.99 -2.52
N VAL A 113 -6.35 -0.11 -3.46
CA VAL A 113 -5.53 1.11 -3.64
C VAL A 113 -6.45 2.35 -3.60
N ALA A 114 -6.13 3.30 -2.76
CA ALA A 114 -6.90 4.54 -2.73
C ALA A 114 -6.05 5.69 -2.24
N GLY A 115 -6.54 6.92 -2.41
CA GLY A 115 -5.87 8.08 -1.82
C GLY A 115 -6.07 8.18 -0.31
N ASP A 116 -5.38 9.17 0.28
CA ASP A 116 -5.35 9.32 1.71
C ASP A 116 -6.14 10.60 2.15
N ASN A 117 -7.39 10.41 2.48
CA ASN A 117 -8.21 11.54 2.91
C ASN A 117 -7.83 12.20 4.24
N PRO A 118 -7.52 11.42 5.32
CA PRO A 118 -6.99 12.03 6.56
C PRO A 118 -5.65 12.71 6.30
N GLY A 119 -4.78 12.05 5.56
CA GLY A 119 -3.51 12.64 5.09
C GLY A 119 -3.64 14.00 4.38
N PHE A 120 -4.54 14.08 3.41
CA PHE A 120 -4.84 15.29 2.67
C PHE A 120 -5.14 16.44 3.63
N GLY A 121 -6.08 16.18 4.50
CA GLY A 121 -6.45 17.14 5.54
C GLY A 121 -5.33 17.61 6.46
N ARG A 122 -4.54 16.66 6.94
CA ARG A 122 -3.45 16.93 7.83
C ARG A 122 -2.35 17.71 7.12
N VAL A 123 -2.00 17.32 5.91
CA VAL A 123 -0.96 18.05 5.15
C VAL A 123 -1.39 19.51 4.94
N ALA A 124 -2.65 19.73 4.59
CA ALA A 124 -3.20 21.07 4.41
C ALA A 124 -3.15 21.83 5.72
N GLY A 125 -3.55 21.15 6.79
CA GLY A 125 -3.65 21.77 8.11
C GLY A 125 -2.29 22.18 8.67
N GLU A 126 -1.30 21.30 8.47
CA GLU A 126 0.08 21.54 8.88
C GLU A 126 0.65 22.78 8.16
N TYR A 127 0.31 22.93 6.89
CA TYR A 127 0.72 24.08 6.10
C TYR A 127 0.14 25.36 6.67
N PHE A 128 -1.19 25.40 6.91
CA PHE A 128 -1.78 26.52 7.60
C PHE A 128 -1.14 26.84 8.96
N ALA A 129 -1.00 25.86 9.87
CA ALA A 129 -0.34 26.09 11.15
C ALA A 129 1.09 26.61 11.03
N GLN A 130 1.82 26.19 10.03
CA GLN A 130 3.21 26.62 9.87
C GLN A 130 3.35 27.98 9.13
N HIS A 131 2.29 28.46 8.51
CA HIS A 131 2.41 29.75 7.78
C HIS A 131 1.52 30.88 8.26
N LEU A 132 0.67 30.63 9.24
CA LEU A 132 -0.23 31.66 9.77
C LEU A 132 -0.02 31.82 11.25
N GLU A 133 0.17 33.06 11.69
CA GLU A 133 0.36 33.34 13.10
CA GLU A 133 0.36 33.35 13.11
C GLU A 133 -1.00 33.37 13.78
N SER A 134 -0.98 33.22 15.11
CA SER A 134 -2.18 33.20 15.90
C SER A 134 -3.02 34.44 15.65
N GLY A 135 -4.33 34.25 15.52
CA GLY A 135 -5.27 35.33 15.25
C GLY A 135 -5.57 35.64 13.79
N LYS A 136 -4.80 35.09 12.86
CA LYS A 136 -5.19 35.15 11.44
C LYS A 136 -6.52 34.41 11.24
N LYS A 137 -7.23 34.85 10.23
CA LYS A 137 -8.60 34.46 9.97
C LYS A 137 -8.62 33.72 8.65
N ILE A 138 -9.31 32.59 8.61
CA ILE A 138 -9.52 31.82 7.39
C ILE A 138 -10.99 31.42 7.22
N VAL A 139 -11.30 31.02 6.01
CA VAL A 139 -12.56 30.38 5.71
C VAL A 139 -12.22 29.03 5.05
N VAL A 140 -13.14 28.07 5.16
CA VAL A 140 -13.00 26.76 4.59
C VAL A 140 -14.15 26.39 3.66
N LEU A 141 -13.82 25.86 2.50
CA LEU A 141 -14.84 25.28 1.62
CA LEU A 141 -14.81 25.28 1.60
C LEU A 141 -14.72 23.78 1.75
N ARG A 142 -15.84 23.15 2.10
CA ARG A 142 -15.94 21.73 2.18
C ARG A 142 -16.46 21.17 0.84
N GLY A 143 -16.36 19.86 0.69
CA GLY A 143 -16.92 19.15 -0.43
C GLY A 143 -18.40 18.87 -0.31
N ILE A 144 -18.84 17.78 -0.98
CA ILE A 144 -20.19 17.26 -0.80
C ILE A 144 -20.26 16.62 0.60
N PRO A 145 -21.35 16.86 1.36
CA PRO A 145 -21.40 16.19 2.68
C PRO A 145 -21.27 14.67 2.59
N THR A 146 -20.15 14.14 3.09
CA THR A 146 -19.78 12.73 2.89
C THR A 146 -18.80 12.31 3.99
N THR A 147 -18.67 10.99 4.18
CA THR A 147 -17.58 10.44 5.01
C THR A 147 -16.21 10.93 4.57
N LEU A 148 -15.95 10.93 3.27
CA LEU A 148 -14.69 11.40 2.76
C LEU A 148 -14.39 12.87 3.10
N ASP A 149 -15.36 13.73 2.86
CA ASP A 149 -15.20 15.15 3.27
C ASP A 149 -14.95 15.24 4.81
N ASN A 150 -15.65 14.45 5.61
CA ASN A 150 -15.47 14.48 7.05
C ASN A 150 -14.05 14.15 7.42
N GLU A 151 -13.46 13.14 6.75
CA GLU A 151 -12.08 12.73 7.02
C GLU A 151 -11.10 13.84 6.78
N ARG A 152 -11.23 14.55 5.67
CA ARG A 152 -10.32 15.64 5.33
C ARG A 152 -10.47 16.74 6.39
N VAL A 153 -11.73 17.09 6.69
CA VAL A 153 -11.99 18.28 7.57
C VAL A 153 -11.56 17.97 8.99
N GLU A 154 -11.85 16.78 9.49
CA GLU A 154 -11.40 16.41 10.83
C GLU A 154 -9.89 16.41 10.97
N ALA A 155 -9.20 15.95 9.93
CA ALA A 155 -7.71 15.92 10.01
C ALA A 155 -7.13 17.34 9.96
N PHE A 156 -7.74 18.23 9.17
CA PHE A 156 -7.33 19.60 9.05
C PHE A 156 -7.53 20.30 10.38
N THR A 157 -8.71 20.12 10.94
CA THR A 157 -9.05 20.73 12.20
C THR A 157 -8.12 20.28 13.31
N ALA A 158 -7.81 19.00 13.36
CA ALA A 158 -6.83 18.46 14.34
C ALA A 158 -5.43 19.13 14.14
N ALA A 159 -5.04 19.34 12.90
CA ALA A 159 -3.74 19.91 12.62
C ALA A 159 -3.57 21.36 13.00
N ILE A 160 -4.63 22.15 12.99
CA ILE A 160 -4.51 23.56 13.40
C ILE A 160 -4.90 23.78 14.86
N GLU A 161 -5.24 22.72 15.55
CA GLU A 161 -5.54 22.83 16.96
C GLU A 161 -4.37 23.49 17.72
N GLY A 162 -4.71 24.55 18.47
CA GLY A 162 -3.75 25.35 19.24
C GLY A 162 -2.92 26.38 18.46
N SER A 163 -3.17 26.56 17.17
CA SER A 163 -2.42 27.53 16.36
C SER A 163 -2.90 28.93 16.60
N GLY A 164 -4.09 29.05 17.18
CA GLY A 164 -4.75 30.32 17.32
C GLY A 164 -5.32 30.82 16.02
N ILE A 165 -5.40 29.99 15.00
CA ILE A 165 -6.00 30.44 13.75
C ILE A 165 -7.50 30.53 14.00
N GLU A 166 -8.16 31.60 13.58
CA GLU A 166 -9.61 31.74 13.72
C GLU A 166 -10.31 31.24 12.45
N VAL A 167 -11.07 30.17 12.57
CA VAL A 167 -11.83 29.68 11.40
C VAL A 167 -13.18 30.36 11.42
N LEU A 168 -13.35 31.32 10.53
CA LEU A 168 -14.50 32.20 10.51
C LEU A 168 -15.71 31.38 10.21
N ASP A 169 -15.61 30.50 9.21
CA ASP A 169 -16.70 29.58 8.88
C ASP A 169 -16.23 28.46 7.95
N MSE A 170 -17.09 27.47 7.83
CA MSE A 170 -16.92 26.37 6.93
C MSE A 170 -18.26 26.15 6.30
O MSE A 170 -19.25 25.97 7.01
CB MSE A 170 -16.40 25.05 7.56
CG MSE A 170 -15.28 25.21 8.56
SE MSE A 170 -14.31 23.53 8.94
CE MSE A 170 -15.79 22.67 9.86
N GLN A 171 -18.27 26.12 4.95
CA GLN A 171 -19.46 25.79 4.18
C GLN A 171 -19.16 24.81 3.06
N HIS A 172 -20.18 24.09 2.62
CA HIS A 172 -20.03 23.09 1.55
C HIS A 172 -20.09 23.77 0.20
N GLY A 173 -19.07 23.55 -0.63
CA GLY A 173 -19.07 23.96 -2.02
C GLY A 173 -19.22 22.80 -2.99
N ASN A 174 -19.40 21.60 -2.45
CA ASN A 174 -19.81 20.46 -3.23
C ASN A 174 -18.89 20.06 -4.37
N TRP A 175 -17.57 20.27 -4.21
CA TRP A 175 -16.58 20.04 -5.24
C TRP A 175 -17.05 20.50 -6.65
N ASN A 176 -17.69 21.66 -6.67
CA ASN A 176 -18.34 22.24 -7.86
C ASN A 176 -17.91 23.71 -7.93
N ARG A 177 -17.46 24.16 -9.09
CA ARG A 177 -16.95 25.52 -9.26
C ARG A 177 -18.02 26.59 -8.90
N ASP A 178 -19.25 26.36 -9.32
CA ASP A 178 -20.28 27.39 -9.17
C ASP A 178 -20.82 27.51 -7.75
N ASP A 179 -21.02 26.37 -7.10
CA ASP A 179 -21.35 26.42 -5.66
C ASP A 179 -20.24 27.08 -4.89
N ALA A 180 -18.98 26.79 -5.25
CA ALA A 180 -17.81 27.38 -4.61
C ALA A 180 -17.77 28.88 -4.79
N PHE A 181 -18.01 29.36 -6.00
CA PHE A 181 -18.11 30.80 -6.24
C PHE A 181 -19.18 31.42 -5.33
N ASN A 182 -20.34 30.79 -5.26
CA ASN A 182 -21.45 31.30 -4.48
C ASN A 182 -21.08 31.39 -3.00
N VAL A 183 -20.41 30.36 -2.51
CA VAL A 183 -20.05 30.34 -1.11
C VAL A 183 -19.05 31.43 -0.81
N MSE A 184 -18.08 31.60 -1.69
CA MSE A 184 -17.02 32.57 -1.46
C MSE A 184 -17.55 33.99 -1.58
O MSE A 184 -17.14 34.85 -0.84
CB MSE A 184 -15.88 32.27 -2.44
CG MSE A 184 -14.65 33.09 -2.12
SE MSE A 184 -13.68 32.28 -0.64
CE MSE A 184 -13.18 33.82 0.46
N GLN A 185 -18.46 34.22 -2.53
CA GLN A 185 -19.12 35.53 -2.70
C GLN A 185 -19.71 35.92 -1.34
N ASP A 186 -20.43 34.99 -0.72
CA ASP A 186 -21.02 35.22 0.60
C ASP A 186 -20.02 35.47 1.71
N PHE A 187 -18.97 34.65 1.75
CA PHE A 187 -17.91 34.81 2.72
C PHE A 187 -17.29 36.21 2.59
N LEU A 188 -17.06 36.64 1.36
CA LEU A 188 -16.49 37.96 1.12
C LEU A 188 -17.41 39.06 1.63
N SER A 189 -18.72 38.94 1.33
CA SER A 189 -19.77 39.92 1.78
C SER A 189 -19.74 40.06 3.26
N LYS A 190 -19.72 38.92 3.94
CA LYS A 190 -19.81 38.86 5.38
C LYS A 190 -18.52 39.20 6.16
N TYR A 191 -17.34 38.78 5.68
CA TYR A 191 -16.10 38.90 6.44
C TYR A 191 -15.11 39.87 5.79
N PRO A 192 -14.99 41.09 6.32
CA PRO A 192 -14.11 42.13 5.76
C PRO A 192 -12.59 41.83 5.79
N GLN A 193 -12.14 40.92 6.67
CA GLN A 193 -10.74 40.47 6.66
CA GLN A 193 -10.75 40.47 6.71
CA GLN A 193 -10.73 40.48 6.77
C GLN A 193 -10.73 38.96 6.66
N ILE A 194 -10.04 38.41 5.65
CA ILE A 194 -9.84 36.94 5.49
C ILE A 194 -8.38 36.86 5.04
N ASP A 195 -7.56 36.12 5.75
CA ASP A 195 -6.13 36.05 5.47
C ASP A 195 -5.72 34.87 4.59
N ALA A 196 -6.50 33.78 4.60
CA ALA A 196 -6.29 32.65 3.75
C ALA A 196 -7.56 31.84 3.61
N VAL A 197 -7.61 31.10 2.52
CA VAL A 197 -8.75 30.26 2.20
C VAL A 197 -8.29 28.82 1.99
N TRP A 198 -8.93 27.89 2.70
CA TRP A 198 -8.73 26.50 2.40
C TRP A 198 -9.85 26.08 1.46
N ALA A 199 -9.59 26.19 0.17
CA ALA A 199 -10.59 25.86 -0.83
C ALA A 199 -10.70 24.30 -0.95
N ALA A 200 -9.62 23.59 -0.61
CA ALA A 200 -9.66 22.11 -0.38
C ALA A 200 -9.82 21.27 -1.66
N ASP A 201 -9.74 21.94 -2.82
CA ASP A 201 -10.06 21.34 -4.11
C ASP A 201 -9.78 22.40 -5.19
N ASP A 202 -9.28 21.97 -6.34
CA ASP A 202 -8.85 22.90 -7.36
C ASP A 202 -10.04 23.49 -8.08
N ASP A 203 -11.08 22.72 -8.41
CA ASP A 203 -12.29 23.29 -9.02
CA ASP A 203 -12.30 23.29 -9.00
C ASP A 203 -12.91 24.34 -8.07
N MSE A 204 -12.92 24.06 -6.77
CA MSE A 204 -13.52 24.92 -5.77
C MSE A 204 -12.66 26.16 -5.69
O MSE A 204 -13.17 27.27 -5.66
CB MSE A 204 -13.71 24.22 -4.43
CG MSE A 204 -14.96 23.33 -4.53
SE MSE A 204 -15.69 22.82 -2.78
CE MSE A 204 -14.24 21.94 -1.80
N ALA A 205 -11.35 26.00 -5.72
CA ALA A 205 -10.44 27.16 -5.71
C ALA A 205 -10.62 28.09 -6.89
N ILE A 206 -10.87 27.56 -8.10
CA ILE A 206 -11.09 28.46 -9.27
C ILE A 206 -12.33 29.33 -9.02
N GLY A 207 -13.45 28.74 -8.57
CA GLY A 207 -14.67 29.50 -8.21
C GLY A 207 -14.40 30.54 -7.11
N ALA A 208 -13.79 30.08 -6.03
CA ALA A 208 -13.38 31.00 -4.97
C ALA A 208 -12.54 32.19 -5.54
N MSE A 209 -11.54 31.91 -6.36
CA MSE A 209 -10.68 32.97 -6.93
C MSE A 209 -11.40 34.02 -7.75
O MSE A 209 -11.03 35.22 -7.71
CB MSE A 209 -9.49 32.31 -7.68
CG MSE A 209 -8.50 31.84 -6.59
SE MSE A 209 -6.76 31.34 -7.36
CE MSE A 209 -7.55 29.76 -8.24
N GLU A 210 -12.42 33.58 -8.51
CA GLU A 210 -13.19 34.54 -9.30
CA GLU A 210 -13.26 34.50 -9.30
C GLU A 210 -14.03 35.44 -8.39
N ALA A 211 -14.66 34.88 -7.35
CA ALA A 211 -15.44 35.69 -6.40
C ALA A 211 -14.55 36.71 -5.71
N ILE A 212 -13.36 36.27 -5.30
CA ILE A 212 -12.33 37.17 -4.71
C ILE A 212 -11.89 38.26 -5.67
N ALA A 213 -11.67 37.91 -6.94
CA ALA A 213 -11.24 38.90 -7.93
C ALA A 213 -12.38 39.90 -8.24
N GLN A 214 -13.64 39.46 -8.25
CA GLN A 214 -14.78 40.41 -8.48
C GLN A 214 -14.93 41.33 -7.29
N ALA A 215 -14.65 40.82 -6.11
CA ALA A 215 -14.56 41.65 -4.91
C ALA A 215 -13.32 42.60 -4.86
N GLY A 216 -12.37 42.45 -5.78
CA GLY A 216 -11.15 43.25 -5.75
C GLY A 216 -10.26 43.02 -4.55
N ARG A 217 -10.33 41.82 -3.95
CA ARG A 217 -9.51 41.46 -2.80
C ARG A 217 -8.46 40.37 -3.07
N THR A 218 -8.06 40.21 -4.34
CA THR A 218 -7.06 39.19 -4.75
C THR A 218 -5.77 39.25 -3.88
N GLU A 219 -5.37 40.47 -3.51
CA GLU A 219 -4.10 40.71 -2.83
C GLU A 219 -4.15 40.33 -1.36
N GLU A 220 -5.35 40.28 -0.82
CA GLU A 220 -5.56 40.16 0.61
C GLU A 220 -5.30 38.75 1.16
N MSE A 221 -5.49 37.70 0.35
CA MSE A 221 -5.49 36.34 0.91
C MSE A 221 -4.86 35.39 -0.03
O MSE A 221 -4.90 35.56 -1.25
CB MSE A 221 -6.93 35.93 1.30
CG MSE A 221 -7.87 35.79 0.10
SE MSE A 221 -9.78 35.92 0.56
CE MSE A 221 -9.78 37.90 0.70
N TRP A 222 -4.23 34.36 0.52
CA TRP A 222 -3.86 33.21 -0.35
C TRP A 222 -4.88 32.09 -0.31
N VAL A 223 -4.79 31.16 -1.27
CA VAL A 223 -5.76 30.10 -1.47
C VAL A 223 -5.04 28.78 -1.66
N MSE A 224 -5.41 27.79 -0.87
CA MSE A 224 -4.95 26.41 -1.01
C MSE A 224 -6.07 25.57 -1.54
O MSE A 224 -7.14 25.44 -0.90
CB MSE A 224 -4.48 25.80 0.32
CG MSE A 224 -3.84 24.39 0.06
SE MSE A 224 -3.08 23.76 1.75
CE MSE A 224 -1.25 23.98 1.07
N GLY A 225 -5.81 24.90 -2.66
CA GLY A 225 -6.79 24.08 -3.34
C GLY A 225 -6.61 22.63 -2.99
N GLY A 226 -6.64 21.76 -4.02
CA GLY A 226 -6.44 20.30 -3.86
C GLY A 226 -6.50 19.50 -5.16
N ALA A 227 -5.66 18.48 -5.23
CA ALA A 227 -5.76 17.40 -6.22
C ALA A 227 -4.99 17.62 -7.51
N GLY A 228 -4.52 18.85 -7.75
CA GLY A 228 -3.56 19.10 -8.82
C GLY A 228 -4.09 19.21 -10.24
N MSE A 229 -5.04 20.12 -10.49
CA MSE A 229 -5.39 20.52 -11.86
C MSE A 229 -4.15 21.12 -12.49
O MSE A 229 -3.42 21.87 -11.82
CB MSE A 229 -6.53 21.57 -11.90
CG MSE A 229 -7.89 20.89 -11.83
SE MSE A 229 -9.37 22.20 -11.70
CE MSE A 229 -10.63 21.24 -12.90
N LYS A 230 -3.85 20.79 -13.75
CA LYS A 230 -2.66 21.34 -14.41
C LYS A 230 -2.55 22.89 -14.38
N GLU A 231 -3.66 23.59 -14.61
CA GLU A 231 -3.61 25.06 -14.66
C GLU A 231 -3.20 25.65 -13.30
N ILE A 232 -3.56 24.99 -12.18
CA ILE A 232 -3.10 25.42 -10.89
C ILE A 232 -1.68 25.03 -10.64
N ILE A 233 -1.32 23.82 -11.03
CA ILE A 233 0.06 23.38 -10.88
C ILE A 233 0.98 24.32 -11.69
N ARG A 234 0.56 24.65 -12.90
CA ARG A 234 1.27 25.65 -13.76
C ARG A 234 1.55 26.92 -12.96
N ARG A 235 0.52 27.47 -12.32
CA ARG A 235 0.68 28.73 -11.62
C ARG A 235 1.54 28.62 -10.39
N ILE A 236 1.46 27.49 -9.69
CA ILE A 236 2.30 27.34 -8.51
C ILE A 236 3.76 27.26 -8.96
N ALA A 237 4.02 26.43 -9.96
CA ALA A 237 5.35 26.30 -10.55
C ALA A 237 5.91 27.69 -10.93
N ASP A 238 5.05 28.57 -11.45
CA ASP A 238 5.50 29.91 -11.85
C ASP A 238 5.49 30.92 -10.69
N GLY A 239 5.38 30.44 -9.45
CA GLY A 239 5.44 31.28 -8.24
C GLY A 239 4.28 32.24 -7.98
N ASP A 240 3.09 31.97 -8.51
CA ASP A 240 1.91 32.82 -8.29
C ASP A 240 1.60 32.86 -6.77
N PRO A 241 1.80 34.04 -6.16
CA PRO A 241 1.73 34.13 -4.69
C PRO A 241 0.32 33.99 -4.12
N GLN A 242 -0.69 34.06 -4.98
CA GLN A 242 -2.07 33.72 -4.61
C GLN A 242 -2.21 32.21 -4.34
N LEU A 243 -1.28 31.42 -4.92
CA LEU A 243 -1.26 29.97 -4.77
C LEU A 243 0.10 29.48 -4.35
N PRO A 244 0.41 29.65 -3.06
CA PRO A 244 1.75 29.33 -2.58
C PRO A 244 2.00 27.83 -2.41
N ALA A 245 0.95 27.03 -2.34
CA ALA A 245 1.08 25.59 -2.16
C ALA A 245 -0.20 24.90 -2.51
N ASN A 246 -0.11 23.61 -2.69
CA ASN A 246 -1.24 22.74 -2.87
C ASN A 246 -1.00 21.38 -2.19
N VAL A 247 -2.02 20.52 -2.23
CA VAL A 247 -1.92 19.14 -1.73
C VAL A 247 -2.45 18.16 -2.77
N THR A 248 -1.68 17.11 -3.04
CA THR A 248 -2.12 16.12 -3.98
C THR A 248 -3.15 15.17 -3.41
N TYR A 249 -3.92 14.62 -4.33
CA TYR A 249 -4.86 13.54 -4.13
C TYR A 249 -4.99 12.97 -5.53
N PRO A 250 -4.09 12.03 -5.85
CA PRO A 250 -3.76 11.80 -7.25
C PRO A 250 -4.81 11.03 -7.99
N PRO A 251 -5.34 11.62 -9.06
CA PRO A 251 -6.16 10.77 -9.94
C PRO A 251 -5.29 9.66 -10.60
N ALA A 252 -3.98 9.85 -10.59
CA ALA A 252 -3.10 8.78 -11.06
C ALA A 252 -2.99 7.61 -10.09
N GLN A 253 -3.80 7.60 -9.02
CA GLN A 253 -3.95 6.40 -8.26
C GLN A 253 -4.31 5.20 -9.12
N ILE A 254 -5.03 5.43 -10.20
CA ILE A 254 -5.37 4.33 -11.11
C ILE A 254 -4.09 3.76 -11.69
N SER A 255 -3.07 4.61 -11.95
CA SER A 255 -1.80 4.12 -12.56
C SER A 255 -1.12 3.26 -11.53
N THR A 256 -1.14 3.68 -10.26
CA THR A 256 -0.59 2.84 -9.20
C THR A 256 -1.18 1.43 -9.17
N ALA A 257 -2.49 1.36 -9.23
CA ALA A 257 -3.18 0.09 -9.21
C ALA A 257 -2.83 -0.74 -10.41
N ILE A 258 -2.77 -0.12 -11.59
CA ILE A 258 -2.45 -0.93 -12.81
C ILE A 258 -1.02 -1.44 -12.80
N GLU A 259 -0.07 -0.56 -12.44
CA GLU A 259 1.34 -0.96 -12.31
C GLU A 259 1.55 -2.10 -11.32
N LEU A 260 0.88 -2.03 -10.15
CA LEU A 260 0.98 -3.08 -9.21
C LEU A 260 0.38 -4.39 -9.69
N THR A 261 -0.75 -4.30 -10.36
CA THR A 261 -1.35 -5.48 -10.96
C THR A 261 -0.47 -6.13 -12.06
N ALA A 262 0.19 -5.33 -12.87
CA ALA A 262 1.17 -5.84 -13.80
C ALA A 262 2.29 -6.57 -13.09
N LEU A 263 2.80 -6.01 -11.97
CA LEU A 263 3.86 -6.71 -11.25
C LEU A 263 3.45 -8.09 -10.79
N LYS A 264 2.19 -8.19 -10.34
CA LYS A 264 1.67 -9.50 -9.93
C LYS A 264 1.80 -10.54 -11.02
N LEU A 265 1.53 -10.14 -12.25
CA LEU A 265 1.46 -11.07 -13.38
C LEU A 265 2.82 -11.37 -13.97
N VAL A 266 3.75 -10.43 -13.87
CA VAL A 266 5.03 -10.60 -14.54
C VAL A 266 6.18 -10.95 -13.60
N SER A 267 5.95 -11.05 -12.31
CA SER A 267 6.99 -11.25 -11.34
C SER A 267 6.43 -11.94 -10.12
N SER A 268 7.29 -12.28 -9.16
CA SER A 268 6.81 -12.82 -7.90
C SER A 268 6.73 -11.79 -6.78
N THR A 269 6.83 -10.51 -7.08
CA THR A 269 6.71 -9.45 -6.11
C THR A 269 5.35 -9.55 -5.39
N PRO A 270 5.37 -9.57 -4.03
CA PRO A 270 4.08 -9.55 -3.30
C PRO A 270 3.34 -8.22 -3.44
N VAL A 271 2.14 -8.21 -3.99
CA VAL A 271 1.44 -6.96 -4.14
C VAL A 271 0.01 -7.04 -3.58
N SER A 272 -0.34 -8.10 -2.87
CA SER A 272 -1.62 -8.14 -2.18
CA SER A 272 -1.61 -8.17 -2.14
C SER A 272 -1.60 -7.16 -1.02
N GLY A 273 -2.78 -6.74 -0.60
CA GLY A 273 -2.92 -5.95 0.62
C GLY A 273 -3.66 -4.63 0.42
N ARG A 274 -3.15 -3.60 1.08
CA ARG A 274 -3.79 -2.28 1.09
C ARG A 274 -2.78 -1.18 0.97
N PHE A 275 -2.94 -0.37 -0.06
CA PHE A 275 -1.99 0.70 -0.31
C PHE A 275 -2.73 2.00 -0.30
N ILE A 276 -2.53 2.78 0.75
CA ILE A 276 -3.03 4.15 0.86
C ILE A 276 -1.98 5.11 0.40
N ILE A 277 -2.19 5.67 -0.79
CA ILE A 277 -1.18 6.54 -1.44
C ILE A 277 -1.16 7.84 -0.66
N GLY A 278 0.01 8.32 -0.38
CA GLY A 278 0.15 9.52 0.41
C GLY A 278 -0.22 10.78 -0.35
N SER A 279 -0.77 11.72 0.37
CA SER A 279 -0.89 13.10 -0.14
C SER A 279 0.38 13.89 0.10
N GLN A 280 0.76 14.73 -0.87
CA GLN A 280 2.03 15.48 -0.78
C GLN A 280 1.81 17.00 -0.93
N LEU A 281 2.55 17.79 -0.16
CA LEU A 281 2.59 19.22 -0.34
C LEU A 281 3.26 19.59 -1.67
N VAL A 282 2.52 20.29 -2.54
CA VAL A 282 3.06 20.87 -3.75
C VAL A 282 3.51 22.28 -3.47
N THR A 283 4.72 22.58 -3.92
CA THR A 283 5.28 23.94 -3.83
C THR A 283 5.92 24.35 -5.20
N PRO A 284 6.29 25.64 -5.35
CA PRO A 284 6.94 26.09 -6.59
C PRO A 284 8.14 25.19 -6.90
N GLU A 285 8.83 24.78 -5.85
CA GLU A 285 10.05 23.98 -5.95
C GLU A 285 9.82 22.58 -6.54
N ASN A 286 8.71 21.93 -6.22
CA ASN A 286 8.48 20.57 -6.74
C ASN A 286 7.31 20.44 -7.72
N ALA A 287 6.76 21.57 -8.16
CA ALA A 287 5.50 21.54 -8.85
C ALA A 287 5.56 20.89 -10.19
N GLU A 288 6.71 21.03 -10.87
CA GLU A 288 6.81 20.56 -12.23
C GLU A 288 6.55 19.07 -12.28
N GLN A 289 6.98 18.35 -11.25
CA GLN A 289 6.72 16.90 -11.23
C GLN A 289 5.27 16.55 -11.38
N PHE A 290 4.38 17.47 -11.04
CA PHE A 290 2.94 17.19 -11.00
C PHE A 290 2.15 17.79 -12.17
N TYR A 291 2.86 18.23 -13.23
CA TYR A 291 2.27 18.94 -14.35
C TYR A 291 2.12 18.02 -15.53
N PHE A 292 0.88 17.78 -15.92
CA PHE A 292 0.58 16.84 -16.98
C PHE A 292 -0.11 17.63 -18.07
N PRO A 293 0.71 18.34 -18.88
CA PRO A 293 0.11 19.22 -19.87
C PRO A 293 -0.86 18.47 -20.80
N ASP A 294 -0.70 17.16 -20.99
CA ASP A 294 -1.68 16.45 -21.82
C ASP A 294 -2.96 16.03 -21.10
N SER A 295 -3.02 16.18 -19.76
CA SER A 295 -4.23 15.78 -18.99
C SER A 295 -5.40 16.77 -19.25
N PRO A 296 -6.63 16.26 -19.37
CA PRO A 296 -7.79 17.13 -19.37
C PRO A 296 -8.19 17.60 -17.97
N PHE A 297 -7.51 17.16 -16.92
CA PHE A 297 -7.78 17.64 -15.55
C PHE A 297 -6.85 18.83 -15.27
N ALA B 3 23.52 1.50 -25.77
CA ALA B 3 23.62 1.19 -24.30
C ALA B 3 22.96 2.32 -23.49
N GLN B 4 22.58 2.06 -22.23
CA GLN B 4 21.61 2.89 -21.49
C GLN B 4 22.10 4.11 -20.66
N GLU B 5 21.56 5.29 -20.96
CA GLU B 5 21.67 6.46 -20.05
C GLU B 5 21.01 6.14 -18.68
N LYS B 6 21.72 6.41 -17.59
CA LYS B 6 21.19 6.21 -16.22
C LYS B 6 20.38 7.40 -15.73
N VAL B 7 19.20 7.15 -15.16
CA VAL B 7 18.36 8.19 -14.63
C VAL B 7 18.53 8.30 -13.12
N GLY B 8 19.09 7.28 -12.47
CA GLY B 8 19.43 7.43 -11.05
C GLY B 8 19.83 6.15 -10.36
N THR B 9 20.25 6.27 -9.10
CA THR B 9 20.74 5.18 -8.34
C THR B 9 19.91 4.99 -7.10
N ILE B 10 19.50 3.75 -6.88
CA ILE B 10 18.79 3.34 -5.70
C ILE B 10 19.72 2.58 -4.74
N GLY B 11 19.80 3.06 -3.52
CA GLY B 11 20.46 2.35 -2.44
C GLY B 11 19.53 1.53 -1.62
N ILE B 12 20.01 0.38 -1.18
CA ILE B 12 19.30 -0.55 -0.37
C ILE B 12 20.17 -0.94 0.83
N ALA B 13 19.68 -0.66 2.03
CA ALA B 13 20.35 -0.93 3.29
C ALA B 13 19.50 -1.89 4.09
N ILE B 14 19.94 -3.13 4.25
CA ILE B 14 19.20 -4.13 5.01
C ILE B 14 20.10 -4.87 6.01
N PRO B 15 19.52 -5.50 7.03
CA PRO B 15 20.34 -6.36 7.90
C PRO B 15 20.94 -7.52 7.12
N SER B 16 22.20 -7.85 7.46
CA SER B 16 22.87 -9.00 6.86
CA SER B 16 22.92 -9.03 6.93
C SER B 16 22.32 -10.33 7.42
N ALA B 17 22.27 -11.34 6.56
CA ALA B 17 21.91 -12.71 6.92
C ALA B 17 22.04 -13.62 5.72
N THR B 18 22.50 -14.82 5.99
CA THR B 18 22.64 -15.83 4.95
C THR B 18 21.66 -17.00 5.15
N HIS B 19 20.78 -16.89 6.13
CA HIS B 19 19.91 -17.96 6.47
C HIS B 19 18.79 -17.41 7.33
N GLY B 20 17.75 -18.20 7.46
CA GLY B 20 16.53 -17.74 8.15
C GLY B 20 15.79 -16.72 7.29
N PHE B 21 14.76 -16.16 7.90
CA PHE B 21 13.85 -15.21 7.28
C PHE B 21 14.62 -14.08 6.64
N MSE B 22 15.52 -13.47 7.39
CA MSE B 22 16.32 -12.37 6.84
C MSE B 22 17.27 -12.76 5.70
O MSE B 22 17.60 -11.97 4.83
CB MSE B 22 17.02 -11.69 8.01
CG MSE B 22 17.69 -10.39 7.64
SE MSE B 22 16.33 -9.00 7.20
CE MSE B 22 15.00 -9.29 8.56
N GLY B 23 17.73 -14.00 5.71
CA GLY B 23 18.49 -14.55 4.58
C GLY B 23 17.63 -14.68 3.34
N GLY B 24 16.40 -15.13 3.53
CA GLY B 24 15.39 -15.09 2.45
C GLY B 24 15.17 -13.67 1.95
N LEU B 25 15.08 -12.71 2.88
CA LEU B 25 14.93 -11.31 2.49
C LEU B 25 16.13 -10.77 1.69
N ASN B 26 17.36 -11.04 2.13
CA ASN B 26 18.56 -10.74 1.32
C ASN B 26 18.52 -11.31 -0.12
N PHE B 27 18.12 -12.58 -0.23
CA PHE B 27 17.96 -13.26 -1.49
C PHE B 27 16.95 -12.49 -2.37
N HIS B 28 15.78 -12.14 -1.83
CA HIS B 28 14.75 -11.42 -2.61
C HIS B 28 15.22 -10.05 -3.09
N ALA B 29 15.93 -9.31 -2.22
CA ALA B 29 16.56 -8.06 -2.58
C ALA B 29 17.49 -8.24 -3.77
N GLN B 30 18.42 -9.20 -3.70
CA GLN B 30 19.30 -9.44 -4.81
C GLN B 30 18.57 -9.89 -6.09
N ASP B 31 17.61 -10.79 -5.92
CA ASP B 31 16.79 -11.32 -7.02
C ASP B 31 16.02 -10.16 -7.71
N THR B 32 15.44 -9.28 -6.95
CA THR B 32 14.76 -8.09 -7.55
C THR B 32 15.70 -7.14 -8.27
N ILE B 33 16.86 -6.91 -7.66
CA ILE B 33 17.85 -6.08 -8.33
C ILE B 33 18.23 -6.67 -9.70
N LYS B 34 18.44 -7.99 -9.75
CA LYS B 34 18.72 -8.67 -11.01
C LYS B 34 17.58 -8.54 -12.00
N ARG B 35 16.34 -8.67 -11.52
CA ARG B 35 15.18 -8.50 -12.41
C ARG B 35 15.16 -7.09 -13.02
N LEU B 36 15.46 -6.10 -12.20
CA LEU B 36 15.33 -4.74 -12.60
C LEU B 36 16.48 -4.30 -13.54
N GLN B 37 17.64 -4.97 -13.45
CA GLN B 37 18.73 -4.72 -14.42
C GLN B 37 18.33 -5.10 -15.85
N GLU B 38 17.44 -6.08 -15.99
CA GLU B 38 16.83 -6.44 -17.25
C GLU B 38 15.67 -5.47 -17.59
N VAL B 39 14.79 -5.17 -16.64
CA VAL B 39 13.60 -4.42 -17.00
C VAL B 39 13.84 -2.91 -17.13
N TYR B 40 14.59 -2.32 -16.21
CA TYR B 40 14.86 -0.88 -16.19
C TYR B 40 16.39 -0.62 -16.18
N PRO B 41 17.06 -0.86 -17.31
CA PRO B 41 18.54 -0.69 -17.37
C PRO B 41 18.98 0.79 -17.14
N GLN B 42 18.03 1.72 -17.08
CA GLN B 42 18.32 3.10 -16.71
C GLN B 42 18.57 3.34 -15.21
N LEU B 43 18.46 2.30 -14.39
CA LEU B 43 18.75 2.40 -12.98
C LEU B 43 20.02 1.71 -12.60
N ASP B 44 20.69 2.27 -11.61
CA ASP B 44 21.77 1.59 -10.94
C ASP B 44 21.31 1.26 -9.54
N PHE B 45 21.95 0.26 -8.94
CA PHE B 45 21.63 -0.14 -7.57
C PHE B 45 22.90 -0.33 -6.74
N VAL B 46 22.86 0.11 -5.48
CA VAL B 46 23.90 -0.22 -4.50
C VAL B 46 23.27 -0.86 -3.28
N LEU B 47 23.70 -2.08 -3.00
CA LEU B 47 23.15 -2.86 -1.89
C LEU B 47 24.19 -2.97 -0.75
N ALA B 48 23.79 -2.72 0.48
CA ALA B 48 24.69 -2.89 1.62
C ALA B 48 23.96 -3.52 2.79
N THR B 49 24.59 -4.47 3.40
CA THR B 49 23.94 -5.21 4.43
C THR B 49 24.79 -5.05 5.70
N ALA B 50 24.12 -4.99 6.84
CA ALA B 50 24.80 -4.68 8.11
C ALA B 50 24.49 -5.67 9.19
N GLY B 51 25.50 -5.90 10.02
CA GLY B 51 25.41 -6.86 11.12
C GLY B 51 24.92 -6.25 12.42
N ASN B 52 24.91 -4.91 12.47
CA ASN B 52 24.42 -4.15 13.62
C ASN B 52 23.97 -2.74 13.17
N ALA B 53 23.22 -2.04 14.00
CA ALA B 53 22.69 -0.71 13.62
C ALA B 53 23.73 0.30 13.29
N GLY B 54 24.77 0.34 14.12
CA GLY B 54 25.90 1.25 13.94
C GLY B 54 26.54 1.13 12.58
N LYS B 55 26.75 -0.09 12.14
CA LYS B 55 27.28 -0.32 10.79
C LYS B 55 26.29 0.10 9.68
N MSE B 56 24.98 -0.13 9.85
CA MSE B 56 23.98 0.34 8.84
C MSE B 56 24.01 1.85 8.75
O MSE B 56 23.99 2.42 7.66
CB MSE B 56 22.58 -0.16 9.18
CG MSE B 56 21.66 0.11 7.98
SE MSE B 56 19.83 -0.40 8.43
CE MSE B 56 19.98 -2.29 7.99
N VAL B 57 24.13 2.54 9.87
CA VAL B 57 24.25 4.01 9.81
C VAL B 57 25.41 4.46 8.91
N ASN B 58 26.59 3.92 9.14
CA ASN B 58 27.75 4.26 8.34
C ASN B 58 27.62 3.87 6.85
N ASP B 59 26.99 2.73 6.58
CA ASP B 59 26.72 2.35 5.17
C ASP B 59 25.89 3.43 4.46
N ILE B 60 24.88 3.94 5.15
CA ILE B 60 23.94 4.92 4.61
C ILE B 60 24.62 6.27 4.43
N GLU B 61 25.32 6.76 5.44
CA GLU B 61 26.11 8.01 5.28
C GLU B 61 27.05 7.92 4.09
N ASP B 62 27.71 6.79 3.95
CA ASP B 62 28.66 6.53 2.85
C ASP B 62 27.98 6.48 1.47
N MSE B 63 26.87 5.74 1.39
CA MSE B 63 26.04 5.71 0.19
C MSE B 63 25.72 7.08 -0.32
O MSE B 63 25.90 7.37 -1.51
CB MSE B 63 24.69 5.07 0.55
CG MSE B 63 24.23 4.01 -0.43
SE MSE B 63 22.90 2.93 0.53
CE MSE B 63 23.81 1.26 0.12
N VAL B 64 25.22 7.92 0.58
CA VAL B 64 24.85 9.29 0.23
C VAL B 64 26.10 10.08 -0.16
N ALA B 65 27.14 9.93 0.65
CA ALA B 65 28.37 10.69 0.49
C ALA B 65 29.11 10.40 -0.81
N THR B 66 29.07 9.17 -1.30
CA THR B 66 29.95 8.77 -2.42
C THR B 66 29.26 8.11 -3.60
N ARG B 67 28.01 7.67 -3.44
CA ARG B 67 27.30 7.04 -4.55
C ARG B 67 26.23 7.93 -5.18
N ASN B 68 25.93 9.07 -4.56
CA ASN B 68 24.98 10.00 -5.17
C ASN B 68 23.62 9.29 -5.44
N ILE B 69 23.05 8.69 -4.40
CA ILE B 69 21.79 7.96 -4.60
C ILE B 69 20.63 8.94 -4.75
N SER B 70 19.66 8.60 -5.60
CA SER B 70 18.42 9.35 -5.75
C SER B 70 17.36 8.86 -4.77
N ALA B 71 17.51 7.63 -4.28
CA ALA B 71 16.52 7.08 -3.36
C ALA B 71 17.16 6.01 -2.50
N LEU B 72 16.64 5.88 -1.28
CA LEU B 72 17.08 4.89 -0.32
C LEU B 72 15.90 3.98 0.04
N VAL B 73 16.17 2.69 -0.02
CA VAL B 73 15.33 1.66 0.54
C VAL B 73 16.02 1.11 1.74
N VAL B 74 15.40 1.30 2.90
CA VAL B 74 16.06 0.92 4.17
C VAL B 74 15.19 0.05 5.03
N LEU B 75 15.74 -1.06 5.51
CA LEU B 75 15.05 -1.85 6.52
C LEU B 75 15.79 -1.58 7.84
N PRO B 76 15.23 -0.75 8.71
CA PRO B 76 16.06 -0.30 9.81
C PRO B 76 16.44 -1.41 10.74
N PHE B 77 17.71 -1.48 11.11
CA PHE B 77 18.19 -2.51 12.07
C PHE B 77 17.54 -2.39 13.44
N GLU B 78 17.47 -1.15 13.93
CA GLU B 78 16.77 -0.73 15.16
C GLU B 78 16.15 0.64 14.88
N SER B 79 15.02 0.96 15.50
CA SER B 79 14.25 2.18 15.15
C SER B 79 14.93 3.48 15.55
N GLU B 80 15.35 3.55 16.78
CA GLU B 80 15.88 4.79 17.34
C GLU B 80 17.19 5.23 16.66
N PRO B 81 18.22 4.37 16.61
CA PRO B 81 19.48 4.81 15.98
C PRO B 81 19.40 5.14 14.48
N LEU B 82 18.43 4.58 13.77
CA LEU B 82 18.30 4.86 12.35
C LEU B 82 17.53 6.16 12.06
N THR B 83 16.85 6.71 13.05
CA THR B 83 15.92 7.81 12.80
C THR B 83 16.58 9.10 12.31
N SER B 84 17.57 9.61 13.05
CA SER B 84 18.26 10.84 12.64
C SER B 84 19.06 10.67 11.37
N PRO B 85 19.77 9.56 11.26
CA PRO B 85 20.46 9.38 9.96
C PRO B 85 19.55 9.36 8.71
N VAL B 86 18.43 8.67 8.78
CA VAL B 86 17.41 8.67 7.71
C VAL B 86 16.71 10.05 7.52
N GLN B 87 16.47 10.75 8.60
CA GLN B 87 16.07 12.18 8.52
C GLN B 87 17.03 12.97 7.66
N ALA B 88 18.33 12.73 7.82
CA ALA B 88 19.39 13.48 7.09
C ALA B 88 19.39 13.12 5.62
N VAL B 89 19.07 11.86 5.32
CA VAL B 89 18.84 11.46 3.94
C VAL B 89 17.66 12.21 3.31
N LYS B 90 16.53 12.26 4.00
CA LYS B 90 15.40 12.98 3.46
C LYS B 90 15.74 14.46 3.28
N GLU B 91 16.48 15.01 4.23
CA GLU B 91 16.84 16.44 4.17
C GLU B 91 17.80 16.74 3.02
N ALA B 92 18.55 15.77 2.54
CA ALA B 92 19.32 16.00 1.31
C ALA B 92 18.50 15.79 0.05
N GLY B 93 17.17 15.73 0.16
CA GLY B 93 16.31 15.62 -1.02
C GLY B 93 16.20 14.23 -1.63
N ILE B 94 16.64 13.21 -0.91
CA ILE B 94 16.64 11.80 -1.42
C ILE B 94 15.33 11.12 -1.04
N TRP B 95 14.67 10.44 -1.96
CA TRP B 95 13.47 9.67 -1.62
C TRP B 95 13.79 8.56 -0.61
N VAL B 96 12.89 8.34 0.37
CA VAL B 96 13.09 7.31 1.38
C VAL B 96 11.94 6.34 1.42
N THR B 97 12.25 5.05 1.25
CA THR B 97 11.30 3.98 1.50
C THR B 97 11.78 3.20 2.71
N VAL B 98 10.94 3.16 3.75
CA VAL B 98 11.24 2.39 4.95
C VAL B 98 10.48 1.02 4.85
N VAL B 99 11.16 -0.05 5.21
CA VAL B 99 10.59 -1.39 5.17
C VAL B 99 10.57 -2.02 6.55
N ASP B 100 9.44 -2.64 6.89
CA ASP B 100 9.27 -3.57 8.06
C ASP B 100 9.27 -2.87 9.43
N ARG B 101 10.45 -2.43 9.89
CA ARG B 101 10.60 -1.75 11.20
C ARG B 101 10.51 -0.23 11.02
N GLY B 102 9.59 0.43 11.72
CA GLY B 102 9.42 1.89 11.59
C GLY B 102 10.55 2.71 12.24
N LEU B 103 10.62 3.98 11.90
CA LEU B 103 11.50 4.89 12.63
C LEU B 103 10.81 5.34 13.95
N SER B 104 11.50 6.04 14.85
CA SER B 104 10.88 6.36 16.17
C SER B 104 10.12 7.71 16.16
N VAL B 105 9.92 8.26 14.97
CA VAL B 105 9.17 9.49 14.73
C VAL B 105 8.41 9.36 13.41
N GLU B 106 7.14 9.75 13.39
CA GLU B 106 6.27 9.56 12.24
C GLU B 106 6.59 10.59 11.17
N GLY B 107 6.27 10.29 9.91
CA GLY B 107 6.26 11.32 8.86
C GLY B 107 7.56 11.54 8.11
N ILE B 108 8.59 10.75 8.39
CA ILE B 108 9.90 10.91 7.74
C ILE B 108 9.88 10.29 6.35
N GLU B 109 9.50 9.02 6.25
CA GLU B 109 9.62 8.32 4.96
C GLU B 109 8.57 8.82 3.97
N ASP B 110 8.90 8.72 2.68
CA ASP B 110 7.97 8.92 1.57
C ASP B 110 7.02 7.74 1.47
N LEU B 111 7.52 6.54 1.76
CA LEU B 111 6.79 5.25 1.61
C LEU B 111 7.22 4.26 2.71
N TYR B 112 6.23 3.65 3.34
CA TYR B 112 6.41 2.60 4.32
C TYR B 112 5.78 1.33 3.73
N VAL B 113 6.54 0.23 3.76
CA VAL B 113 6.10 -1.08 3.27
C VAL B 113 6.33 -2.09 4.39
N ALA B 114 5.32 -2.86 4.71
CA ALA B 114 5.53 -3.92 5.71
C ALA B 114 4.47 -4.97 5.51
N GLY B 115 4.70 -6.12 6.16
CA GLY B 115 3.70 -7.17 6.23
C GLY B 115 2.62 -6.94 7.25
N ASP B 116 1.65 -7.83 7.29
CA ASP B 116 0.44 -7.57 8.04
C ASP B 116 0.32 -8.60 9.15
N ASN B 117 0.65 -8.21 10.39
CA ASN B 117 0.67 -9.20 11.45
C ASN B 117 -0.70 -9.62 11.95
N PRO B 118 -1.65 -8.66 12.06
CA PRO B 118 -3.07 -9.05 12.36
C PRO B 118 -3.63 -9.92 11.25
N GLY B 119 -3.30 -9.53 10.02
CA GLY B 119 -3.66 -10.29 8.82
C GLY B 119 -3.17 -11.74 8.84
N PHE B 120 -1.92 -11.94 9.24
CA PHE B 120 -1.31 -13.24 9.29
C PHE B 120 -2.10 -14.11 10.27
N GLY B 121 -2.33 -13.62 11.51
CA GLY B 121 -3.08 -14.42 12.45
C GLY B 121 -4.55 -14.67 12.05
N ARG B 122 -5.22 -13.69 11.47
CA ARG B 122 -6.62 -13.88 11.04
C ARG B 122 -6.75 -14.91 9.93
N VAL B 123 -5.86 -14.87 8.93
CA VAL B 123 -5.90 -15.84 7.83
C VAL B 123 -5.67 -17.28 8.40
N ALA B 124 -4.74 -17.43 9.35
CA ALA B 124 -4.54 -18.67 9.99
C ALA B 124 -5.74 -19.12 10.79
N GLY B 125 -6.23 -18.26 11.66
CA GLY B 125 -7.44 -18.54 12.43
C GLY B 125 -8.65 -18.87 11.57
N GLU B 126 -8.78 -18.19 10.41
CA GLU B 126 -9.86 -18.48 9.50
C GLU B 126 -9.80 -19.89 8.90
N TYR B 127 -8.61 -20.30 8.53
CA TYR B 127 -8.33 -21.67 8.16
C TYR B 127 -8.71 -22.67 9.26
N PHE B 128 -8.31 -22.45 10.51
CA PHE B 128 -8.68 -23.35 11.61
C PHE B 128 -10.22 -23.49 11.77
N ALA B 129 -10.91 -22.36 11.74
CA ALA B 129 -12.34 -22.27 11.89
C ALA B 129 -13.06 -23.00 10.77
N GLN B 130 -12.47 -22.99 9.58
CA GLN B 130 -13.11 -23.55 8.40
C GLN B 130 -12.84 -25.03 8.23
N HIS B 131 -11.81 -25.58 8.89
CA HIS B 131 -11.42 -27.00 8.74
C HIS B 131 -11.50 -27.84 10.01
N LEU B 132 -11.87 -27.24 11.14
CA LEU B 132 -12.01 -28.01 12.39
C LEU B 132 -13.42 -27.91 12.95
N GLU B 133 -14.04 -29.05 13.24
CA GLU B 133 -15.39 -29.05 13.85
C GLU B 133 -15.32 -28.66 15.32
N SER B 134 -16.43 -28.18 15.85
CA SER B 134 -16.53 -27.93 17.28
C SER B 134 -16.04 -29.13 18.08
N GLY B 135 -15.25 -28.86 19.13
CA GLY B 135 -14.73 -29.92 19.99
C GLY B 135 -13.33 -30.41 19.64
N LYS B 136 -12.85 -30.10 18.44
CA LYS B 136 -11.46 -30.44 18.08
C LYS B 136 -10.46 -29.62 18.90
N LYS B 137 -9.24 -30.16 19.04
CA LYS B 137 -8.27 -29.65 19.96
C LYS B 137 -7.00 -29.28 19.23
N ILE B 138 -6.50 -28.10 19.59
CA ILE B 138 -5.27 -27.61 19.06
C ILE B 138 -4.29 -27.20 20.10
N VAL B 139 -3.05 -27.06 19.68
CA VAL B 139 -2.06 -26.37 20.45
C VAL B 139 -1.42 -25.28 19.59
N VAL B 140 -0.92 -24.26 20.25
CA VAL B 140 -0.36 -23.10 19.58
C VAL B 140 1.09 -22.86 20.05
N LEU B 141 2.00 -22.68 19.09
CA LEU B 141 3.34 -22.21 19.38
C LEU B 141 3.38 -20.72 19.09
N ARG B 142 3.81 -19.93 20.05
CA ARG B 142 4.01 -18.50 19.83
C ARG B 142 5.47 -18.16 19.56
N GLY B 143 5.68 -16.95 19.05
CA GLY B 143 7.04 -16.46 18.79
C GLY B 143 7.75 -15.99 20.07
N ILE B 144 8.72 -15.12 19.90
CA ILE B 144 9.34 -14.36 21.03
C ILE B 144 8.27 -13.41 21.62
N PRO B 145 8.22 -13.29 22.96
CA PRO B 145 7.35 -12.26 23.52
C PRO B 145 7.63 -10.87 22.98
N THR B 146 6.67 -10.42 22.17
CA THR B 146 6.78 -9.20 21.38
C THR B 146 5.42 -8.64 21.04
N THR B 147 5.40 -7.35 20.65
CA THR B 147 4.20 -6.74 20.12
C THR B 147 3.69 -7.46 18.87
N LEU B 148 4.59 -7.78 17.94
CA LEU B 148 4.22 -8.52 16.77
C LEU B 148 3.57 -9.89 17.04
N ASP B 149 4.15 -10.68 17.92
CA ASP B 149 3.53 -11.93 18.33
C ASP B 149 2.16 -11.71 18.98
N ASN B 150 2.04 -10.70 19.80
CA ASN B 150 0.73 -10.37 20.42
C ASN B 150 -0.33 -10.07 19.33
N GLU B 151 0.08 -9.35 18.29
CA GLU B 151 -0.82 -9.04 17.18
C GLU B 151 -1.33 -10.27 16.44
N ARG B 152 -0.43 -11.15 16.09
CA ARG B 152 -0.80 -12.41 15.42
C ARG B 152 -1.73 -13.22 16.30
N VAL B 153 -1.38 -13.37 17.57
CA VAL B 153 -2.15 -14.25 18.48
C VAL B 153 -3.54 -13.67 18.75
N GLU B 154 -3.61 -12.36 19.00
CA GLU B 154 -4.89 -11.73 19.17
C GLU B 154 -5.85 -11.94 17.97
N ALA B 155 -5.34 -11.80 16.76
CA ALA B 155 -6.13 -11.97 15.55
C ALA B 155 -6.54 -13.42 15.28
N PHE B 156 -5.66 -14.38 15.58
CA PHE B 156 -6.01 -15.79 15.50
C PHE B 156 -7.14 -16.11 16.46
N THR B 157 -6.99 -15.67 17.71
CA THR B 157 -8.00 -15.92 18.74
C THR B 157 -9.35 -15.37 18.30
N ALA B 158 -9.34 -14.16 17.79
CA ALA B 158 -10.55 -13.55 17.30
C ALA B 158 -11.19 -14.35 16.16
N ALA B 159 -10.39 -14.93 15.28
CA ALA B 159 -10.95 -15.50 14.11
C ALA B 159 -11.52 -16.90 14.43
N ILE B 160 -11.08 -17.51 15.54
CA ILE B 160 -11.62 -18.81 15.94
C ILE B 160 -12.73 -18.71 16.97
N GLU B 161 -13.11 -17.51 17.42
CA GLU B 161 -14.16 -17.38 18.43
CA GLU B 161 -14.16 -17.41 18.45
C GLU B 161 -15.49 -17.89 17.84
N GLY B 162 -16.24 -18.68 18.62
CA GLY B 162 -17.52 -19.24 18.16
C GLY B 162 -17.32 -20.53 17.35
N SER B 163 -16.08 -20.90 17.08
CA SER B 163 -15.80 -22.14 16.35
C SER B 163 -15.99 -23.38 17.22
N GLY B 164 -15.94 -23.24 18.55
CA GLY B 164 -15.85 -24.44 19.43
C GLY B 164 -14.53 -25.20 19.52
N ILE B 165 -13.48 -24.67 18.89
CA ILE B 165 -12.16 -25.30 18.93
C ILE B 165 -11.64 -25.16 20.35
N GLU B 166 -11.16 -26.25 20.91
CA GLU B 166 -10.49 -26.18 22.22
C GLU B 166 -9.01 -25.86 22.02
N VAL B 167 -8.54 -24.78 22.62
CA VAL B 167 -7.12 -24.49 22.61
C VAL B 167 -6.53 -25.11 23.84
N LEU B 168 -5.86 -26.25 23.69
CA LEU B 168 -5.31 -26.98 24.85
C LEU B 168 -4.22 -26.19 25.60
N ASP B 169 -3.36 -25.52 24.87
CA ASP B 169 -2.24 -24.84 25.48
C ASP B 169 -1.63 -23.92 24.41
N MSE B 170 -0.85 -22.93 24.86
CA MSE B 170 -0.09 -22.01 23.98
C MSE B 170 1.13 -21.71 24.72
O MSE B 170 1.07 -21.45 25.93
CB MSE B 170 -0.72 -20.65 23.56
CG MSE B 170 -2.21 -20.68 23.21
SE MSE B 170 -2.53 -18.93 22.27
CE MSE B 170 -2.52 -17.78 23.82
N GLN B 171 2.28 -21.84 24.08
CA GLN B 171 3.57 -21.63 24.71
C GLN B 171 4.51 -21.00 23.70
N HIS B 172 5.49 -20.23 24.23
CA HIS B 172 6.48 -19.55 23.38
C HIS B 172 7.57 -20.52 22.91
N GLY B 173 7.70 -20.60 21.61
CA GLY B 173 8.81 -21.29 20.90
C GLY B 173 9.86 -20.34 20.35
N ASN B 174 9.72 -19.03 20.59
CA ASN B 174 10.76 -18.05 20.23
C ASN B 174 11.26 -18.04 18.82
N TRP B 175 10.41 -18.46 17.86
CA TRP B 175 10.78 -18.48 16.46
C TRP B 175 12.08 -19.22 16.24
N ASN B 176 12.29 -20.31 16.98
CA ASN B 176 13.50 -21.09 16.99
CA ASN B 176 13.43 -21.15 16.68
C ASN B 176 13.08 -22.60 16.89
N ARG B 177 13.85 -23.41 16.16
CA ARG B 177 13.58 -24.83 15.97
C ARG B 177 13.68 -25.61 17.25
N ASP B 178 14.75 -25.36 18.00
CA ASP B 178 15.03 -26.14 19.20
C ASP B 178 14.01 -25.81 20.31
N ASP B 179 13.65 -24.53 20.49
CA ASP B 179 12.71 -24.18 21.54
C ASP B 179 11.31 -24.75 21.14
N ALA B 180 10.97 -24.73 19.87
CA ALA B 180 9.75 -25.30 19.40
C ALA B 180 9.69 -26.81 19.59
N PHE B 181 10.80 -27.50 19.33
CA PHE B 181 10.92 -28.93 19.61
C PHE B 181 10.60 -29.19 21.04
N ASN B 182 11.22 -28.41 21.94
CA ASN B 182 11.00 -28.63 23.35
C ASN B 182 9.59 -28.36 23.80
N VAL B 183 8.99 -27.31 23.29
CA VAL B 183 7.59 -27.00 23.60
C VAL B 183 6.64 -28.08 23.07
N MSE B 184 6.84 -28.49 21.82
CA MSE B 184 6.01 -29.60 21.30
C MSE B 184 6.18 -30.94 21.99
O MSE B 184 5.19 -31.64 22.20
CB MSE B 184 6.29 -29.69 19.80
CG MSE B 184 5.28 -30.62 19.17
SE MSE B 184 3.66 -29.64 18.74
CE MSE B 184 2.51 -31.16 19.12
N GLN B 185 7.42 -31.30 22.39
CA GLN B 185 7.67 -32.56 23.17
C GLN B 185 6.77 -32.54 24.45
N ASP B 186 6.74 -31.39 25.09
CA ASP B 186 5.96 -31.19 26.29
C ASP B 186 4.46 -31.28 25.97
N PHE B 187 4.01 -30.63 24.91
CA PHE B 187 2.65 -30.74 24.51
C PHE B 187 2.25 -32.20 24.30
N LEU B 188 3.10 -32.94 23.60
CA LEU B 188 2.82 -34.32 23.28
C LEU B 188 2.76 -35.20 24.56
N SER B 189 3.64 -34.95 25.53
CA SER B 189 3.59 -35.63 26.83
CA SER B 189 3.60 -35.64 26.82
C SER B 189 2.29 -35.41 27.56
N LYS B 190 1.73 -34.21 27.47
CA LYS B 190 0.52 -33.85 28.22
C LYS B 190 -0.82 -34.17 27.60
N TYR B 191 -0.90 -34.08 26.28
CA TYR B 191 -2.20 -34.10 25.59
C TYR B 191 -2.22 -35.32 24.71
N PRO B 192 -3.07 -36.32 25.05
CA PRO B 192 -2.98 -37.56 24.28
C PRO B 192 -3.54 -37.54 22.87
N GLN B 193 -4.35 -36.53 22.56
CA GLN B 193 -4.95 -36.35 21.27
C GLN B 193 -4.84 -34.84 20.89
N ILE B 194 -4.18 -34.53 19.77
CA ILE B 194 -4.11 -33.13 19.28
C ILE B 194 -4.49 -33.26 17.83
N ASP B 195 -5.46 -32.48 17.39
CA ASP B 195 -5.95 -32.60 16.03
C ASP B 195 -5.19 -31.66 15.08
N ALA B 196 -4.67 -30.54 15.57
CA ALA B 196 -3.90 -29.66 14.74
C ALA B 196 -2.97 -28.76 15.57
N VAL B 197 -1.91 -28.30 14.92
CA VAL B 197 -0.94 -27.42 15.56
C VAL B 197 -0.83 -26.13 14.76
N TRP B 198 -1.06 -24.99 15.42
CA TRP B 198 -0.70 -23.70 14.86
C TRP B 198 0.74 -23.39 15.28
N ALA B 199 1.67 -23.87 14.47
CA ALA B 199 3.09 -23.65 14.69
C ALA B 199 3.47 -22.22 14.39
N ALA B 200 2.72 -21.57 13.48
CA ALA B 200 2.74 -20.10 13.26
C ALA B 200 4.07 -19.56 12.66
N ASP B 201 4.96 -20.45 12.22
CA ASP B 201 6.25 -20.08 11.64
C ASP B 201 6.81 -21.35 11.15
N ASP B 202 7.45 -21.33 9.99
CA ASP B 202 8.04 -22.55 9.43
C ASP B 202 9.21 -23.16 10.22
N ASP B 203 10.17 -22.37 10.71
CA ASP B 203 11.17 -22.91 11.65
C ASP B 203 10.55 -23.60 12.88
N MSE B 204 9.57 -23.00 13.48
CA MSE B 204 8.87 -23.61 14.61
C MSE B 204 8.15 -24.88 14.17
O MSE B 204 8.12 -25.89 14.93
CB MSE B 204 7.98 -22.60 15.31
CG MSE B 204 8.81 -21.54 16.00
SE MSE B 204 7.83 -20.65 17.48
CE MSE B 204 6.24 -19.94 16.65
N ALA B 205 7.59 -24.87 12.98
CA ALA B 205 6.95 -26.04 12.45
C ALA B 205 7.92 -27.18 12.32
N ILE B 206 9.12 -26.89 11.82
CA ILE B 206 10.12 -27.94 11.62
C ILE B 206 10.52 -28.61 12.98
N GLY B 207 10.79 -27.80 13.99
CA GLY B 207 11.05 -28.38 15.30
C GLY B 207 9.88 -29.15 15.88
N ALA B 208 8.67 -28.60 15.74
CA ALA B 208 7.48 -29.37 16.19
C ALA B 208 7.33 -30.67 15.47
N MSE B 209 7.46 -30.67 14.13
CA MSE B 209 7.36 -31.96 13.39
C MSE B 209 8.40 -33.01 13.85
O MSE B 209 8.08 -34.20 13.90
CB MSE B 209 7.37 -31.75 11.87
CG MSE B 209 6.10 -31.05 11.48
SE MSE B 209 5.97 -30.88 9.56
CE MSE B 209 7.39 -29.60 9.16
N GLU B 210 9.61 -32.58 14.21
CA GLU B 210 10.63 -33.54 14.77
C GLU B 210 10.17 -34.16 16.11
N ALA B 211 9.60 -33.35 16.97
CA ALA B 211 9.04 -33.89 18.19
C ALA B 211 7.91 -34.89 17.95
N ILE B 212 7.02 -34.54 17.04
CA ILE B 212 5.85 -35.34 16.72
C ILE B 212 6.33 -36.69 16.13
N ALA B 213 7.34 -36.62 15.26
CA ALA B 213 7.93 -37.85 14.67
C ALA B 213 8.59 -38.73 15.75
N GLN B 214 9.27 -38.10 16.71
CA GLN B 214 9.86 -38.83 17.80
C GLN B 214 8.84 -39.59 18.68
N ALA B 215 7.72 -38.96 18.91
CA ALA B 215 6.61 -39.57 19.59
C ALA B 215 5.81 -40.57 18.73
N GLY B 216 6.09 -40.67 17.45
CA GLY B 216 5.31 -41.62 16.61
C GLY B 216 3.93 -41.16 16.25
N ARG B 217 3.70 -39.83 16.25
CA ARG B 217 2.38 -39.26 16.05
C ARG B 217 2.23 -38.42 14.82
N THR B 218 3.08 -38.66 13.82
CA THR B 218 3.03 -37.91 12.56
C THR B 218 1.63 -37.98 11.88
N GLU B 219 0.99 -39.13 11.94
CA GLU B 219 -0.35 -39.31 11.33
C GLU B 219 -1.46 -38.54 11.99
N GLU B 220 -1.22 -38.08 13.20
CA GLU B 220 -2.30 -37.68 14.05
C GLU B 220 -2.77 -36.26 13.75
N MSE B 221 -1.88 -35.36 13.40
CA MSE B 221 -2.23 -33.92 13.42
C MSE B 221 -1.65 -33.23 12.20
O MSE B 221 -0.53 -33.51 11.78
CB MSE B 221 -1.68 -33.25 14.70
CG MSE B 221 -0.16 -33.33 14.97
SE MSE B 221 0.28 -33.05 16.86
CE MSE B 221 -0.21 -34.89 17.45
N TRP B 222 -2.37 -32.25 11.68
CA TRP B 222 -1.78 -31.38 10.66
C TRP B 222 -1.18 -30.14 11.30
N VAL B 223 -0.22 -29.54 10.60
CA VAL B 223 0.56 -28.40 11.14
C VAL B 223 0.52 -27.22 10.20
N MSE B 224 0.18 -26.03 10.70
CA MSE B 224 0.30 -24.77 9.93
C MSE B 224 1.49 -23.96 10.46
O MSE B 224 1.51 -23.59 11.65
CB MSE B 224 -1.00 -23.99 10.08
CG MSE B 224 -0.99 -22.67 9.27
SE MSE B 224 -2.78 -21.89 9.05
CE MSE B 224 -2.94 -22.66 7.25
N GLY B 225 2.42 -23.62 9.58
CA GLY B 225 3.61 -22.87 9.89
C GLY B 225 3.36 -21.43 9.52
N GLY B 226 4.33 -20.84 8.86
CA GLY B 226 4.23 -19.45 8.42
C GLY B 226 5.49 -18.97 7.70
N ALA B 227 5.28 -18.03 6.77
CA ALA B 227 6.29 -17.29 6.07
C ALA B 227 6.96 -18.02 4.88
N GLY B 228 6.79 -19.31 4.73
CA GLY B 228 7.09 -19.94 3.42
C GLY B 228 8.54 -20.34 3.18
N MSE B 229 9.16 -21.08 4.10
CA MSE B 229 10.43 -21.72 3.77
C MSE B 229 10.23 -22.67 2.57
O MSE B 229 9.21 -23.34 2.48
CB MSE B 229 11.00 -22.51 4.97
CG MSE B 229 11.47 -21.54 6.05
SE MSE B 229 12.11 -22.48 7.68
CE MSE B 229 13.84 -21.51 7.78
N LYS B 230 11.21 -22.73 1.69
CA LYS B 230 11.09 -23.54 0.45
C LYS B 230 10.77 -25.05 0.69
N GLU B 231 11.39 -25.66 1.68
CA GLU B 231 11.13 -27.08 1.95
CA GLU B 231 11.15 -27.09 2.03
C GLU B 231 9.68 -27.34 2.35
N ILE B 232 9.07 -26.41 3.09
CA ILE B 232 7.68 -26.53 3.47
C ILE B 232 6.79 -26.29 2.27
N ILE B 233 7.04 -25.20 1.55
CA ILE B 233 6.32 -24.93 0.27
C ILE B 233 6.34 -26.14 -0.68
N ARG B 234 7.52 -26.71 -0.83
CA ARG B 234 7.71 -27.92 -1.68
C ARG B 234 6.74 -29.06 -1.24
N ARG B 235 6.67 -29.33 0.07
CA ARG B 235 5.79 -30.38 0.61
C ARG B 235 4.31 -30.07 0.46
N ILE B 236 3.96 -28.81 0.64
CA ILE B 236 2.57 -28.41 0.41
C ILE B 236 2.20 -28.61 -1.09
N ALA B 237 3.06 -28.12 -1.99
CA ALA B 237 2.83 -28.33 -3.43
C ALA B 237 2.68 -29.81 -3.72
N ASP B 238 3.41 -30.65 -3.00
CA ASP B 238 3.42 -32.08 -3.28
C ASP B 238 2.34 -32.83 -2.53
N GLY B 239 1.46 -32.11 -1.84
CA GLY B 239 0.30 -32.73 -1.21
C GLY B 239 0.54 -33.45 0.11
N ASP B 240 1.68 -33.21 0.75
CA ASP B 240 1.95 -33.80 2.05
C ASP B 240 0.78 -33.49 3.02
N PRO B 241 0.10 -34.52 3.53
CA PRO B 241 -1.10 -34.26 4.31
C PRO B 241 -0.85 -33.65 5.68
N GLN B 242 0.39 -33.73 6.17
CA GLN B 242 0.81 -33.10 7.39
C GLN B 242 0.85 -31.55 7.30
N LEU B 243 0.93 -31.03 6.07
CA LEU B 243 1.11 -29.61 5.81
C LEU B 243 0.08 -29.19 4.74
N PRO B 244 -1.17 -29.02 5.16
CA PRO B 244 -2.23 -28.85 4.14
C PRO B 244 -2.33 -27.43 3.63
N ALA B 245 -1.70 -26.51 4.32
CA ALA B 245 -1.77 -25.12 3.95
C ALA B 245 -0.74 -24.34 4.72
N ASN B 246 -0.49 -23.10 4.31
CA ASN B 246 0.37 -22.23 5.08
C ASN B 246 -0.08 -20.78 4.88
N VAL B 247 0.61 -19.87 5.56
CA VAL B 247 0.22 -18.45 5.51
C VAL B 247 1.45 -17.67 5.24
N THR B 248 1.39 -16.80 4.24
CA THR B 248 2.55 -16.03 3.90
C THR B 248 2.74 -14.85 4.86
N TYR B 249 3.99 -14.39 4.94
CA TYR B 249 4.41 -13.14 5.67
C TYR B 249 5.75 -12.91 4.99
N PRO B 250 5.75 -12.13 3.90
CA PRO B 250 6.80 -12.36 2.90
C PRO B 250 8.13 -11.70 3.17
N PRO B 251 9.22 -12.51 3.23
CA PRO B 251 10.52 -11.89 3.15
C PRO B 251 10.71 -11.07 1.89
N ALA B 252 9.99 -11.40 0.82
CA ALA B 252 10.03 -10.61 -0.43
C ALA B 252 9.28 -9.29 -0.30
N GLN B 253 8.83 -8.92 0.89
CA GLN B 253 8.43 -7.52 1.12
C GLN B 253 9.46 -6.51 0.68
N ILE B 254 10.71 -6.86 0.82
CA ILE B 254 11.78 -6.04 0.31
C ILE B 254 11.70 -5.82 -1.21
N SER B 255 11.25 -6.82 -1.94
CA SER B 255 11.09 -6.73 -3.37
C SER B 255 9.99 -5.72 -3.68
N THR B 256 8.89 -5.77 -2.94
CA THR B 256 7.76 -4.82 -3.19
C THR B 256 8.32 -3.44 -3.01
N ALA B 257 9.14 -3.29 -1.97
CA ALA B 257 9.70 -1.97 -1.63
C ALA B 257 10.65 -1.46 -2.71
N ILE B 258 11.53 -2.33 -3.21
CA ILE B 258 12.44 -1.94 -4.29
C ILE B 258 11.69 -1.67 -5.60
N GLU B 259 10.72 -2.50 -5.96
CA GLU B 259 9.95 -2.33 -7.20
C GLU B 259 9.18 -1.03 -7.23
N LEU B 260 8.52 -0.70 -6.11
CA LEU B 260 7.85 0.56 -6.03
C LEU B 260 8.80 1.80 -6.13
N THR B 261 9.94 1.71 -5.46
CA THR B 261 10.92 2.76 -5.45
C THR B 261 11.46 2.93 -6.89
N ALA B 262 11.59 1.83 -7.63
CA ALA B 262 11.99 1.87 -9.03
C ALA B 262 10.96 2.68 -9.86
N LEU B 263 9.68 2.46 -9.56
CA LEU B 263 8.60 3.13 -10.28
C LEU B 263 8.65 4.63 -10.05
N LYS B 264 9.08 5.07 -8.86
CA LYS B 264 9.25 6.49 -8.57
CA LYS B 264 9.27 6.48 -8.56
C LYS B 264 10.28 7.13 -9.49
N LEU B 265 11.37 6.42 -9.78
CA LEU B 265 12.45 6.95 -10.63
C LEU B 265 12.22 6.78 -12.16
N VAL B 266 11.38 5.87 -12.60
CA VAL B 266 11.17 5.60 -14.03
C VAL B 266 9.80 6.01 -14.60
N SER B 267 8.91 6.49 -13.74
CA SER B 267 7.58 6.87 -14.19
C SER B 267 7.01 7.99 -13.31
N SER B 268 5.83 8.50 -13.65
CA SER B 268 5.13 9.45 -12.81
C SER B 268 4.12 8.76 -11.87
N THR B 269 4.20 7.44 -11.72
CA THR B 269 3.28 6.66 -10.87
C THR B 269 3.38 7.11 -9.43
N PRO B 270 2.23 7.44 -8.80
CA PRO B 270 2.35 7.86 -7.40
C PRO B 270 2.63 6.64 -6.50
N VAL B 271 3.69 6.72 -5.73
CA VAL B 271 4.07 5.56 -4.90
C VAL B 271 4.42 5.96 -3.45
N SER B 272 4.08 7.17 -3.04
CA SER B 272 4.28 7.52 -1.63
C SER B 272 3.08 6.94 -0.84
N GLY B 273 3.30 6.80 0.47
CA GLY B 273 2.24 6.48 1.45
C GLY B 273 2.58 5.21 2.23
N ARG B 274 1.59 4.34 2.35
CA ARG B 274 1.66 3.20 3.27
C ARG B 274 1.06 1.96 2.66
N PHE B 275 1.90 0.95 2.50
CA PHE B 275 1.51 -0.27 1.82
C PHE B 275 1.72 -1.41 2.82
N ILE B 276 0.61 -1.96 3.31
CA ILE B 276 0.64 -3.13 4.19
C ILE B 276 0.27 -4.36 3.37
N ILE B 277 1.29 -5.14 3.10
CA ILE B 277 1.24 -6.32 2.21
C ILE B 277 0.43 -7.42 2.90
N GLY B 278 -0.55 -7.95 2.18
CA GLY B 278 -1.57 -8.84 2.72
C GLY B 278 -0.96 -10.25 2.84
N SER B 279 -1.26 -10.94 3.95
CA SER B 279 -0.88 -12.36 4.08
C SER B 279 -1.88 -13.21 3.29
N GLN B 280 -1.39 -14.20 2.58
CA GLN B 280 -2.21 -15.06 1.70
C GLN B 280 -2.17 -16.49 2.22
N LEU B 281 -3.26 -17.23 2.03
CA LEU B 281 -3.26 -18.67 2.21
C LEU B 281 -2.53 -19.43 1.07
N VAL B 282 -1.59 -20.27 1.44
CA VAL B 282 -0.89 -21.15 0.55
C VAL B 282 -1.56 -22.53 0.66
N THR B 283 -1.97 -23.09 -0.49
CA THR B 283 -2.59 -24.40 -0.62
C THR B 283 -1.80 -25.18 -1.64
N PRO B 284 -2.02 -26.51 -1.76
CA PRO B 284 -1.31 -27.22 -2.79
C PRO B 284 -1.56 -26.63 -4.18
N GLU B 285 -2.75 -26.09 -4.39
CA GLU B 285 -3.14 -25.55 -5.70
C GLU B 285 -2.33 -24.34 -6.09
N ASN B 286 -1.97 -23.48 -5.13
CA ASN B 286 -1.19 -22.30 -5.48
C ASN B 286 0.27 -22.31 -5.04
N ALA B 287 0.71 -23.40 -4.40
CA ALA B 287 1.98 -23.33 -3.71
C ALA B 287 3.16 -23.08 -4.62
N GLU B 288 3.15 -23.52 -5.89
CA GLU B 288 4.35 -23.38 -6.73
C GLU B 288 4.75 -21.94 -6.95
N GLN B 289 3.80 -21.02 -6.83
CA GLN B 289 4.10 -19.60 -6.97
C GLN B 289 4.94 -19.05 -5.83
N PHE B 290 5.03 -19.79 -4.71
CA PHE B 290 5.82 -19.33 -3.55
C PHE B 290 7.06 -20.16 -3.34
N TYR B 291 7.37 -21.00 -4.34
CA TYR B 291 8.51 -21.85 -4.28
C TYR B 291 9.72 -21.24 -4.94
N PHE B 292 10.74 -20.97 -4.15
CA PHE B 292 11.95 -20.30 -4.63
C PHE B 292 13.16 -21.24 -4.38
N PRO B 293 13.46 -22.15 -5.32
CA PRO B 293 14.52 -23.13 -5.03
C PRO B 293 15.91 -22.55 -4.77
N ASP B 294 16.22 -21.35 -5.25
CA ASP B 294 17.53 -20.75 -5.01
C ASP B 294 17.63 -19.97 -3.68
N SER B 295 16.52 -19.76 -2.98
CA SER B 295 16.55 -19.00 -1.72
C SER B 295 17.18 -19.81 -0.61
N PRO B 296 17.91 -19.16 0.31
CA PRO B 296 18.44 -19.89 1.44
C PRO B 296 17.38 -20.14 2.51
N PHE B 297 16.19 -19.55 2.38
CA PHE B 297 15.15 -19.69 3.36
C PHE B 297 14.26 -20.88 2.91
C ACT C . -11.73 15.00 -5.02
O ACT C . -10.52 15.05 -4.66
OXT ACT C . -12.11 15.66 -6.02
CH3 ACT C . -12.77 14.20 -4.24
C1 EDO D . 1.58 -18.04 26.48
O1 EDO D . 0.40 -17.66 25.73
C2 EDO D . 2.05 -17.05 27.52
O2 EDO D . 2.41 -15.78 26.94
#